data_6IAH
#
_entry.id   6IAH
#
_cell.length_a   66.330
_cell.length_b   117.000
_cell.length_c   33.830
_cell.angle_alpha   90.000
_cell.angle_beta   90.000
_cell.angle_gamma   90.000
#
_symmetry.space_group_name_H-M   'P 21 21 2'
#
loop_
_entity.id
_entity.type
_entity.pdbx_description
1 polymer Hydrolase
2 non-polymer 'MAGNESIUM ION'
3 non-polymer 'CHLORIDE ION'
4 water water
#
_entity_poly.entity_id   1
_entity_poly.type   'polypeptide(L)'
_entity_poly.pdbx_seq_one_letter_code
;MWIVFDVDGVLIDVRESYDEATKLTAEYFLGLFGVEREIKPEWVRELRRKGSFGDDFKVSEALILFALSGRAEELVEEFP
EGGTIEWVREKFGFQVFGGSIERVFNTFYLGREYPERLFDFPGLWKKERPIVRRGLLERASKHFKLGVVTGRSALEMELA
ERIIGFKFENAVTREAYLKPDPRALWELVRGEPGVYIGDTINDELFVENYRGKYGDFDFVMVGRDVKDVNEFLENALEGG
;
_entity_poly.pdbx_strand_id   A
#
# COMPACT_ATOMS: atom_id res chain seq x y z
N MET A 1 26.29 -0.70 -6.14
N MET A 1 26.26 -1.70 -6.10
CA MET A 1 25.52 -0.67 -4.90
CA MET A 1 25.52 -1.01 -5.01
C MET A 1 24.05 -0.64 -5.30
C MET A 1 24.07 -0.89 -5.44
N TRP A 2 23.19 -1.30 -4.52
CA TRP A 2 21.73 -1.31 -4.75
C TRP A 2 21.10 -0.11 -4.07
N ILE A 3 20.18 0.54 -4.76
CA ILE A 3 19.21 1.41 -4.09
C ILE A 3 17.81 0.75 -4.36
N VAL A 4 17.19 0.30 -3.28
CA VAL A 4 15.91 -0.38 -3.29
C VAL A 4 14.89 0.51 -2.62
N PHE A 5 13.74 0.61 -3.24
CA PHE A 5 12.67 1.53 -2.78
C PHE A 5 11.40 0.74 -2.40
N ASP A 6 10.74 1.23 -1.37
CA ASP A 6 9.29 1.09 -1.22
C ASP A 6 8.64 1.98 -2.28
N VAL A 7 7.39 1.70 -2.62
CA VAL A 7 6.65 2.54 -3.57
C VAL A 7 5.80 3.53 -2.79
N ASP A 8 4.85 3.05 -2.02
CA ASP A 8 3.81 3.96 -1.43
C ASP A 8 4.39 4.77 -0.27
N GLY A 9 4.32 6.09 -0.35
CA GLY A 9 4.87 6.98 0.64
C GLY A 9 6.34 7.35 0.35
N VAL A 10 6.97 6.71 -0.66
CA VAL A 10 8.36 6.98 -1.03
C VAL A 10 8.42 7.47 -2.48
N LEU A 11 8.12 6.60 -3.46
CA LEU A 11 8.06 7.03 -4.88
C LEU A 11 6.75 7.71 -5.24
N ILE A 12 5.64 7.27 -4.63
CA ILE A 12 4.28 7.71 -4.99
C ILE A 12 3.55 8.15 -3.72
N ASP A 13 2.89 9.31 -3.81
CA ASP A 13 1.99 9.79 -2.76
C ASP A 13 0.64 9.20 -3.12
N VAL A 14 0.16 8.27 -2.30
CA VAL A 14 -1.10 7.59 -2.58
C VAL A 14 -2.15 8.36 -1.87
N ARG A 15 -2.01 9.70 -1.99
CA ARG A 15 -2.99 10.77 -1.69
C ARG A 15 -4.34 10.17 -1.20
N GLU A 16 -4.17 9.45 -0.14
CA GLU A 16 -5.27 8.73 0.45
C GLU A 16 -6.30 8.03 -0.56
N SER A 17 -5.79 7.53 -1.75
CA SER A 17 -6.56 6.91 -2.86
C SER A 17 -7.22 5.66 -2.26
N TYR A 18 -6.43 4.84 -1.54
CA TYR A 18 -6.96 3.64 -0.89
C TYR A 18 -7.98 3.97 0.19
N ASP A 19 -7.70 5.01 0.96
CA ASP A 19 -8.63 5.42 1.99
C ASP A 19 -9.98 5.82 1.42
N GLU A 20 -10.00 6.58 0.32
N GLU A 20 -9.96 6.59 0.33
CA GLU A 20 -11.26 6.98 -0.31
CA GLU A 20 -11.16 6.99 -0.41
C GLU A 20 -11.93 5.78 -1.00
C GLU A 20 -11.90 5.77 -0.95
N ALA A 21 -11.17 4.82 -1.52
CA ALA A 21 -11.79 3.63 -2.05
C ALA A 21 -12.49 2.80 -0.97
N THR A 22 -11.89 2.74 0.23
CA THR A 22 -12.46 2.05 1.36
C THR A 22 -13.78 2.77 1.77
N LYS A 23 -13.69 4.08 1.89
CA LYS A 23 -14.86 4.88 2.21
C LYS A 23 -16.00 4.71 1.21
N LEU A 24 -15.75 4.89 -0.07
CA LEU A 24 -16.78 4.74 -1.06
C LEU A 24 -17.36 3.32 -1.15
N THR A 25 -16.51 2.32 -1.04
CA THR A 25 -17.03 0.94 -1.01
C THR A 25 -17.98 0.69 0.18
N ALA A 26 -17.60 1.11 1.37
CA ALA A 26 -18.41 0.90 2.54
C ALA A 26 -19.70 1.68 2.32
N GLU A 27 -19.57 2.89 1.79
CA GLU A 27 -20.78 3.78 1.66
C GLU A 27 -21.71 3.26 0.58
N TYR A 28 -21.17 2.55 -0.42
CA TYR A 28 -21.98 1.86 -1.43
C TYR A 28 -22.88 0.81 -0.74
N PHE A 29 -22.29 -0.06 0.11
CA PHE A 29 -23.13 -1.10 0.78
C PHE A 29 -24.07 -0.47 1.80
N LEU A 30 -23.58 0.51 2.52
CA LEU A 30 -24.47 1.22 3.42
C LEU A 30 -25.72 1.76 2.70
N GLY A 31 -25.53 2.37 1.56
CA GLY A 31 -26.61 2.89 0.69
C GLY A 31 -27.62 1.81 0.34
N LEU A 32 -27.17 0.57 0.14
CA LEU A 32 -28.11 -0.54 -0.07
C LEU A 32 -29.03 -0.83 1.11
N PHE A 33 -28.55 -0.56 2.30
CA PHE A 33 -29.30 -0.70 3.48
C PHE A 33 -29.92 0.65 3.88
N GLY A 34 -29.97 1.64 2.98
CA GLY A 34 -30.58 2.96 3.27
C GLY A 34 -29.88 3.76 4.36
N VAL A 35 -28.59 3.49 4.59
CA VAL A 35 -27.81 4.23 5.57
C VAL A 35 -26.98 5.27 4.80
N GLU A 36 -27.25 6.54 5.09
CA GLU A 36 -26.62 7.66 4.44
C GLU A 36 -25.50 8.31 5.28
N ARG A 37 -25.33 7.88 6.52
CA ARG A 37 -24.27 8.40 7.39
C ARG A 37 -22.91 8.07 6.71
N GLU A 38 -22.01 9.04 6.72
CA GLU A 38 -20.75 8.85 6.02
C GLU A 38 -19.75 8.10 6.88
N ILE A 39 -18.86 7.42 6.18
CA ILE A 39 -17.74 6.81 6.84
C ILE A 39 -16.70 7.90 7.16
N LYS A 40 -16.39 8.10 8.45
CA LYS A 40 -15.39 9.10 8.85
C LYS A 40 -13.97 8.63 8.50
N PRO A 41 -13.12 9.57 8.08
CA PRO A 41 -11.78 9.19 7.57
C PRO A 41 -10.89 8.55 8.64
N GLU A 42 -10.98 9.04 9.88
CA GLU A 42 -10.21 8.48 10.95
C GLU A 42 -10.55 7.02 11.24
N TRP A 43 -11.80 6.59 10.95
CA TRP A 43 -12.21 5.19 11.17
C TRP A 43 -11.45 4.26 10.26
N VAL A 44 -11.29 4.66 9.01
CA VAL A 44 -10.54 3.88 8.02
C VAL A 44 -9.06 3.73 8.46
N ARG A 45 -8.46 4.87 8.76
CA ARG A 45 -7.07 4.93 9.20
C ARG A 45 -6.81 4.14 10.44
N GLU A 46 -7.61 4.39 11.47
CA GLU A 46 -7.39 3.77 12.76
C GLU A 46 -7.63 2.27 12.75
N LEU A 47 -8.64 1.83 12.00
N LEU A 47 -8.66 1.82 12.03
CA LEU A 47 -9.00 0.43 11.98
CA LEU A 47 -8.98 0.41 11.95
C LEU A 47 -7.92 -0.34 11.25
C LEU A 47 -7.85 -0.32 11.29
N ARG A 48 -7.39 0.21 10.16
CA ARG A 48 -6.32 -0.41 9.42
C ARG A 48 -5.03 -0.42 10.27
N ARG A 49 -4.75 0.68 10.95
CA ARG A 49 -3.55 0.79 11.76
C ARG A 49 -3.51 -0.20 12.91
N LYS A 50 -4.54 -0.24 13.72
CA LYS A 50 -4.56 -1.12 14.87
C LYS A 50 -4.81 -2.57 14.49
N GLY A 51 -5.56 -2.83 13.40
CA GLY A 51 -5.92 -4.18 12.96
C GLY A 51 -4.77 -4.89 12.27
N SER A 52 -4.98 -6.16 11.99
CA SER A 52 -4.18 -7.01 11.09
C SER A 52 -5.10 -7.55 10.04
N PHE A 53 -5.82 -6.64 9.39
CA PHE A 53 -6.72 -7.03 8.35
C PHE A 53 -5.94 -7.47 7.15
N GLY A 54 -6.49 -8.43 6.45
CA GLY A 54 -5.82 -9.02 5.31
C GLY A 54 -5.69 -8.04 4.16
N ASP A 55 -6.66 -7.12 4.00
CA ASP A 55 -6.66 -6.25 2.85
C ASP A 55 -7.73 -5.20 3.13
N ASP A 56 -7.81 -4.21 2.27
CA ASP A 56 -8.84 -3.15 2.44
C ASP A 56 -10.28 -3.62 2.07
N PHE A 57 -10.44 -4.75 1.38
CA PHE A 57 -11.78 -5.38 1.22
C PHE A 57 -12.32 -5.81 2.60
N LYS A 58 -11.42 -6.31 3.45
CA LYS A 58 -11.76 -6.72 4.81
C LYS A 58 -11.97 -5.51 5.69
N VAL A 59 -11.18 -4.48 5.50
CA VAL A 59 -11.38 -3.25 6.27
C VAL A 59 -12.74 -2.69 5.89
N SER A 60 -13.08 -2.68 4.59
CA SER A 60 -14.38 -2.16 4.12
C SER A 60 -15.50 -2.95 4.78
N GLU A 61 -15.39 -4.27 4.79
CA GLU A 61 -16.38 -5.12 5.43
C GLU A 61 -16.67 -4.83 6.89
N ALA A 62 -15.59 -4.64 7.65
CA ALA A 62 -15.65 -4.27 9.03
C ALA A 62 -16.41 -2.94 9.16
N LEU A 63 -16.07 -1.97 8.35
CA LEU A 63 -16.71 -0.64 8.48
C LEU A 63 -18.16 -0.60 8.15
N ILE A 64 -18.56 -1.45 7.22
CA ILE A 64 -19.96 -1.63 6.82
C ILE A 64 -20.79 -2.14 7.98
N LEU A 65 -20.32 -3.22 8.57
CA LEU A 65 -20.99 -3.83 9.71
C LEU A 65 -21.01 -2.87 10.87
N PHE A 66 -19.86 -2.22 11.13
CA PHE A 66 -19.81 -1.32 12.29
C PHE A 66 -20.81 -0.18 12.10
N ALA A 67 -20.83 0.40 10.92
CA ALA A 67 -21.72 1.56 10.63
C ALA A 67 -23.17 1.14 10.55
N LEU A 68 -23.45 -0.09 10.11
CA LEU A 68 -24.83 -0.61 10.17
C LEU A 68 -25.35 -0.64 11.57
N SER A 69 -24.45 -0.89 12.52
CA SER A 69 -24.82 -1.02 13.93
C SER A 69 -25.04 0.37 14.55
N GLY A 70 -24.65 1.43 13.88
CA GLY A 70 -24.81 2.77 14.47
C GLY A 70 -23.82 3.14 15.57
N ARG A 71 -22.82 2.27 15.84
CA ARG A 71 -21.82 2.49 16.92
C ARG A 71 -20.37 2.39 16.39
N ALA A 72 -20.15 2.85 15.16
CA ALA A 72 -18.84 2.66 14.52
C ALA A 72 -17.72 3.27 15.35
N GLU A 73 -17.93 4.49 15.80
CA GLU A 73 -16.92 5.12 16.64
C GLU A 73 -16.50 4.30 17.83
N GLU A 74 -17.47 3.85 18.62
CA GLU A 74 -17.25 2.98 19.75
C GLU A 74 -16.59 1.66 19.29
N LEU A 75 -17.02 1.10 18.16
CA LEU A 75 -16.52 -0.21 17.72
C LEU A 75 -15.07 -0.15 17.23
N VAL A 76 -14.71 0.96 16.58
CA VAL A 76 -13.33 1.19 16.22
C VAL A 76 -12.46 1.19 17.49
N GLU A 77 -12.96 1.78 18.56
CA GLU A 77 -12.21 1.87 19.81
C GLU A 77 -12.16 0.52 20.48
N GLU A 78 -13.24 -0.24 20.41
CA GLU A 78 -13.31 -1.52 21.09
C GLU A 78 -12.45 -2.54 20.32
N PHE A 79 -12.32 -2.39 19.00
CA PHE A 79 -11.71 -3.47 18.16
C PHE A 79 -10.27 -3.76 18.64
N PRO A 80 -9.91 -5.04 18.82
CA PRO A 80 -8.58 -5.35 19.41
C PRO A 80 -7.44 -5.09 18.45
N GLU A 81 -6.36 -4.55 19.00
CA GLU A 81 -5.13 -4.46 18.31
C GLU A 81 -4.78 -5.82 17.75
N GLY A 82 -4.38 -5.90 16.51
CA GLY A 82 -4.08 -7.20 15.89
C GLY A 82 -5.30 -8.06 15.49
N GLY A 83 -6.53 -7.54 15.69
CA GLY A 83 -7.74 -8.20 15.22
C GLY A 83 -7.85 -8.33 13.69
N THR A 84 -8.71 -9.24 13.28
CA THR A 84 -8.95 -9.50 11.88
C THR A 84 -10.46 -9.45 11.69
N ILE A 85 -10.89 -9.68 10.47
CA ILE A 85 -12.33 -9.66 10.11
C ILE A 85 -13.15 -10.68 10.93
N GLU A 86 -12.51 -11.75 11.37
CA GLU A 86 -13.14 -12.74 12.21
C GLU A 86 -13.80 -12.18 13.46
N TRP A 87 -13.19 -11.22 14.10
CA TRP A 87 -13.79 -10.61 15.28
C TRP A 87 -15.19 -10.00 14.97
N VAL A 88 -15.26 -9.31 13.83
CA VAL A 88 -16.44 -8.65 13.36
C VAL A 88 -17.52 -9.63 12.97
N ARG A 89 -17.13 -10.66 12.22
CA ARG A 89 -18.02 -11.68 11.78
C ARG A 89 -18.58 -12.48 12.92
N GLU A 90 -17.75 -12.76 13.90
CA GLU A 90 -18.23 -13.49 15.07
C GLU A 90 -19.17 -12.63 15.87
N LYS A 91 -18.84 -11.36 16.01
CA LYS A 91 -19.71 -10.47 16.79
C LYS A 91 -21.13 -10.31 16.19
N PHE A 92 -21.25 -9.99 14.89
CA PHE A 92 -22.58 -9.69 14.26
C PHE A 92 -23.28 -10.86 13.61
N GLY A 93 -22.56 -11.96 13.37
CA GLY A 93 -23.17 -13.11 12.79
C GLY A 93 -23.29 -13.14 11.28
N PHE A 94 -22.64 -12.19 10.61
CA PHE A 94 -22.81 -11.98 9.19
C PHE A 94 -21.42 -11.73 8.59
N GLN A 95 -21.29 -11.98 7.30
N GLN A 95 -21.28 -12.01 7.31
CA GLN A 95 -20.07 -11.75 6.56
CA GLN A 95 -20.06 -11.78 6.57
C GLN A 95 -20.36 -11.40 5.12
C GLN A 95 -20.35 -11.41 5.13
N VAL A 96 -19.31 -11.02 4.41
CA VAL A 96 -19.42 -10.74 3.02
C VAL A 96 -19.89 -12.00 2.25
N PHE A 97 -20.73 -11.77 1.25
CA PHE A 97 -21.24 -12.78 0.32
C PHE A 97 -20.32 -12.78 -0.88
N GLY A 98 -19.51 -13.82 -0.95
CA GLY A 98 -18.63 -14.03 -2.08
C GLY A 98 -17.69 -12.85 -2.33
N GLY A 99 -17.61 -12.41 -3.57
CA GLY A 99 -16.68 -11.33 -3.90
C GLY A 99 -17.40 -9.97 -3.97
N SER A 100 -18.53 -9.82 -3.26
N SER A 100 -18.52 -9.80 -3.26
CA SER A 100 -19.37 -8.61 -3.43
CA SER A 100 -19.35 -8.61 -3.44
C SER A 100 -18.56 -7.33 -3.14
C SER A 100 -18.54 -7.34 -3.16
N ILE A 101 -17.80 -7.33 -2.06
CA ILE A 101 -17.06 -6.17 -1.64
C ILE A 101 -15.86 -5.93 -2.55
N GLU A 102 -15.18 -7.00 -2.88
CA GLU A 102 -14.01 -6.91 -3.71
C GLU A 102 -14.32 -6.36 -5.09
N ARG A 103 -15.42 -6.77 -5.67
CA ARG A 103 -15.82 -6.30 -6.95
C ARG A 103 -16.11 -4.80 -6.89
N VAL A 104 -16.78 -4.38 -5.83
CA VAL A 104 -17.12 -2.92 -5.70
C VAL A 104 -15.82 -2.11 -5.40
N PHE A 105 -14.97 -2.61 -4.51
CA PHE A 105 -13.73 -1.90 -4.20
C PHE A 105 -12.90 -1.70 -5.47
N ASN A 106 -12.69 -2.79 -6.22
CA ASN A 106 -11.88 -2.71 -7.38
C ASN A 106 -12.49 -1.77 -8.47
N THR A 107 -13.80 -1.76 -8.62
CA THR A 107 -14.48 -0.81 -9.47
C THR A 107 -14.10 0.64 -9.10
N PHE A 108 -14.09 0.96 -7.81
CA PHE A 108 -13.78 2.33 -7.33
C PHE A 108 -12.27 2.64 -7.47
N TYR A 109 -11.41 1.66 -7.16
CA TYR A 109 -9.96 1.93 -7.11
C TYR A 109 -9.37 1.87 -8.53
N LEU A 110 -9.69 0.79 -9.28
CA LEU A 110 -9.19 0.58 -10.61
C LEU A 110 -10.01 1.21 -11.75
N GLY A 111 -11.33 1.36 -11.57
CA GLY A 111 -12.17 1.95 -12.61
C GLY A 111 -12.08 1.16 -13.88
N ARG A 112 -11.76 1.86 -14.98
CA ARG A 112 -11.72 1.21 -16.27
C ARG A 112 -10.58 0.23 -16.43
N GLU A 113 -9.58 0.29 -15.54
N GLU A 113 -9.59 0.27 -15.54
CA GLU A 113 -8.49 -0.71 -15.54
CA GLU A 113 -8.51 -0.71 -15.60
C GLU A 113 -8.97 -2.08 -15.07
C GLU A 113 -8.89 -2.01 -14.85
N TYR A 114 -10.18 -2.14 -14.52
CA TYR A 114 -10.75 -3.40 -13.95
C TYR A 114 -11.75 -3.98 -14.94
N PRO A 115 -11.34 -5.09 -15.59
CA PRO A 115 -12.19 -5.67 -16.61
C PRO A 115 -13.54 -6.21 -16.10
N GLU A 116 -13.65 -6.53 -14.82
CA GLU A 116 -14.92 -6.99 -14.29
C GLU A 116 -15.64 -5.86 -13.52
N ARG A 117 -15.43 -4.58 -13.89
N ARG A 117 -15.41 -4.58 -13.82
CA ARG A 117 -16.09 -3.43 -13.25
CA ARG A 117 -16.04 -3.55 -13.03
C ARG A 117 -17.58 -3.61 -13.15
C ARG A 117 -17.54 -3.67 -13.08
N LEU A 118 -18.18 -3.11 -12.07
CA LEU A 118 -19.61 -3.24 -11.87
C LEU A 118 -20.33 -2.08 -12.54
N PHE A 119 -19.67 -0.94 -12.65
CA PHE A 119 -20.13 0.20 -13.38
C PHE A 119 -18.91 1.01 -13.84
N ASP A 120 -19.13 1.95 -14.72
CA ASP A 120 -18.08 2.82 -15.23
C ASP A 120 -17.76 3.84 -14.13
N PHE A 121 -16.48 3.97 -13.80
CA PHE A 121 -16.03 4.83 -12.74
C PHE A 121 -14.59 5.19 -13.05
N PRO A 122 -14.26 6.46 -12.81
CA PRO A 122 -12.86 6.91 -13.04
C PRO A 122 -12.00 6.45 -11.84
N GLY A 123 -11.19 5.44 -12.06
CA GLY A 123 -10.41 4.87 -11.00
C GLY A 123 -9.73 5.87 -10.06
N LEU A 124 -9.88 5.65 -8.77
CA LEU A 124 -9.18 6.44 -7.72
C LEU A 124 -7.68 6.29 -7.76
N TRP A 125 -7.14 5.23 -8.40
CA TRP A 125 -5.70 5.15 -8.54
C TRP A 125 -5.08 6.38 -9.26
N LYS A 126 -5.86 7.05 -10.10
N LYS A 126 -5.89 7.05 -10.10
CA LYS A 126 -5.36 8.16 -10.89
CA LYS A 126 -5.49 8.22 -10.86
C LYS A 126 -5.25 9.45 -10.05
C LYS A 126 -5.14 9.40 -9.99
N LYS A 127 -5.73 9.46 -8.80
CA LYS A 127 -5.46 10.58 -7.89
C LYS A 127 -4.10 10.48 -7.19
N GLU A 128 -3.39 9.33 -7.35
CA GLU A 128 -2.03 9.14 -6.81
C GLU A 128 -1.06 10.01 -7.66
N ARG A 129 0.00 10.50 -7.01
CA ARG A 129 0.92 11.47 -7.62
C ARG A 129 2.34 11.02 -7.39
N PRO A 130 3.21 11.27 -8.37
CA PRO A 130 4.61 10.88 -8.17
C PRO A 130 5.27 11.78 -7.12
N ILE A 131 6.03 11.17 -6.22
CA ILE A 131 6.99 11.95 -5.40
C ILE A 131 8.34 11.98 -6.13
N VAL A 132 8.79 10.83 -6.59
CA VAL A 132 10.10 10.78 -7.23
C VAL A 132 10.07 11.51 -8.61
N ARG A 133 11.19 12.11 -9.01
CA ARG A 133 11.36 12.72 -10.31
C ARG A 133 12.02 11.66 -11.13
N ARG A 134 11.41 11.34 -12.28
N ARG A 134 11.43 11.31 -12.27
CA ARG A 134 11.91 10.28 -13.17
CA ARG A 134 11.96 10.22 -13.10
C ARG A 134 13.36 10.53 -13.62
C ARG A 134 13.39 10.52 -13.61
N GLY A 135 13.72 11.80 -13.76
CA GLY A 135 15.09 12.21 -14.18
C GLY A 135 16.13 11.70 -13.21
N LEU A 136 15.81 11.73 -11.91
CA LEU A 136 16.71 11.11 -10.92
C LEU A 136 16.87 9.61 -11.04
N LEU A 137 15.78 8.90 -11.34
CA LEU A 137 15.86 7.44 -11.45
C LEU A 137 16.72 7.10 -12.67
N GLU A 138 16.50 7.86 -13.72
CA GLU A 138 17.26 7.72 -14.94
C GLU A 138 18.71 7.99 -14.64
N ARG A 139 18.96 9.11 -13.99
CA ARG A 139 20.36 9.40 -13.65
C ARG A 139 20.98 8.31 -12.79
N ALA A 140 20.25 7.86 -11.76
CA ALA A 140 20.80 6.87 -10.82
C ALA A 140 21.04 5.52 -11.44
N SER A 141 20.20 5.14 -12.41
CA SER A 141 20.27 3.80 -13.07
C SER A 141 21.55 3.62 -13.81
N LYS A 142 22.21 4.71 -14.15
CA LYS A 142 23.53 4.59 -14.79
C LYS A 142 24.68 4.19 -13.87
N HIS A 143 24.50 4.31 -12.55
CA HIS A 143 25.57 4.05 -11.56
C HIS A 143 25.24 3.17 -10.41
N PHE A 144 23.97 2.83 -10.25
CA PHE A 144 23.46 1.97 -9.15
C PHE A 144 22.48 0.99 -9.76
N LYS A 145 22.41 -0.21 -9.20
N LYS A 145 22.40 -0.21 -9.18
CA LYS A 145 21.30 -1.14 -9.43
CA LYS A 145 21.32 -1.16 -9.42
C LYS A 145 20.08 -0.68 -8.66
C LYS A 145 20.06 -0.74 -8.64
N LEU A 146 18.95 -0.58 -9.34
CA LEU A 146 17.73 -0.07 -8.72
C LEU A 146 16.71 -1.23 -8.64
N GLY A 147 15.96 -1.24 -7.55
CA GLY A 147 14.93 -2.21 -7.35
C GLY A 147 13.83 -1.73 -6.50
N VAL A 148 12.74 -2.50 -6.46
CA VAL A 148 11.64 -2.16 -5.49
C VAL A 148 11.20 -3.38 -4.75
N VAL A 149 10.77 -3.20 -3.50
CA VAL A 149 10.05 -4.26 -2.79
C VAL A 149 8.79 -3.61 -2.38
N THR A 150 7.65 -4.15 -2.79
CA THR A 150 6.38 -3.45 -2.55
C THR A 150 5.28 -4.44 -2.21
N GLY A 151 4.31 -4.00 -1.41
CA GLY A 151 3.09 -4.75 -1.18
C GLY A 151 2.13 -4.73 -2.38
N ARG A 152 2.42 -3.90 -3.37
CA ARG A 152 1.63 -3.87 -4.60
C ARG A 152 1.72 -5.23 -5.33
N SER A 153 0.63 -5.59 -6.03
CA SER A 153 0.63 -6.69 -6.99
C SER A 153 1.34 -6.24 -8.24
N ALA A 154 1.73 -7.19 -9.09
CA ALA A 154 2.24 -6.91 -10.41
C ALA A 154 1.39 -5.89 -11.21
N LEU A 155 0.08 -6.04 -11.21
CA LEU A 155 -0.78 -5.12 -11.92
C LEU A 155 -0.65 -3.74 -11.32
N GLU A 156 -0.69 -3.67 -10.00
CA GLU A 156 -0.59 -2.38 -9.29
C GLU A 156 0.81 -1.74 -9.47
N MET A 157 1.81 -2.59 -9.67
CA MET A 157 3.15 -2.15 -9.92
C MET A 157 3.27 -1.53 -11.36
N GLU A 158 2.62 -2.14 -12.34
CA GLU A 158 2.51 -1.54 -13.67
CA GLU A 158 2.47 -1.57 -13.68
C GLU A 158 1.87 -0.15 -13.58
N LEU A 159 0.80 -0.03 -12.80
CA LEU A 159 0.17 1.30 -12.55
C LEU A 159 1.16 2.32 -11.93
N ALA A 160 1.92 1.87 -10.92
CA ALA A 160 2.94 2.71 -10.32
C ALA A 160 3.97 3.21 -11.35
N GLU A 161 4.46 2.29 -12.20
CA GLU A 161 5.31 2.69 -13.29
C GLU A 161 4.72 3.74 -14.24
N ARG A 162 3.41 3.73 -14.45
CA ARG A 162 2.74 4.79 -15.19
C ARG A 162 2.77 6.10 -14.45
N ILE A 163 2.51 6.04 -13.16
CA ILE A 163 2.44 7.28 -12.35
C ILE A 163 3.82 7.95 -12.28
N ILE A 164 4.86 7.12 -12.09
N ILE A 164 4.89 7.17 -12.11
CA ILE A 164 6.23 7.55 -11.92
CA ILE A 164 6.19 7.78 -11.94
C ILE A 164 6.86 7.98 -13.24
C ILE A 164 6.97 7.93 -13.24
N GLY A 165 6.58 7.23 -14.31
CA GLY A 165 7.19 7.42 -15.58
C GLY A 165 8.56 6.75 -15.64
N PHE A 166 8.65 5.59 -14.99
CA PHE A 166 9.89 4.82 -15.00
C PHE A 166 9.55 3.38 -14.75
N LYS A 167 10.24 2.49 -15.45
CA LYS A 167 9.99 1.06 -15.36
C LYS A 167 11.03 0.39 -14.43
N PHE A 168 10.64 -0.48 -13.52
CA PHE A 168 11.59 -1.17 -12.66
C PHE A 168 11.70 -2.63 -13.10
N GLU A 169 12.87 -2.98 -13.62
CA GLU A 169 13.13 -4.37 -14.01
C GLU A 169 13.33 -5.32 -12.86
N ASN A 170 13.76 -4.79 -11.72
CA ASN A 170 14.00 -5.60 -10.53
C ASN A 170 12.93 -5.21 -9.50
N ALA A 171 11.91 -6.05 -9.31
CA ALA A 171 10.80 -5.69 -8.45
C ALA A 171 10.35 -6.96 -7.72
N VAL A 172 10.11 -6.85 -6.42
CA VAL A 172 9.44 -7.90 -5.63
C VAL A 172 8.09 -7.36 -5.24
N THR A 173 7.03 -8.09 -5.60
CA THR A 173 5.62 -7.68 -5.37
C THR A 173 5.01 -8.77 -4.50
N ARG A 174 3.79 -8.52 -4.08
CA ARG A 174 3.16 -9.38 -3.09
C ARG A 174 2.86 -10.83 -3.53
N GLU A 175 2.93 -11.11 -4.82
CA GLU A 175 2.86 -12.49 -5.36
C GLU A 175 3.99 -13.37 -4.84
N ALA A 176 5.09 -12.76 -4.44
CA ALA A 176 6.30 -13.49 -4.15
C ALA A 176 6.60 -13.54 -2.63
N TYR A 177 6.65 -12.33 -2.00
CA TYR A 177 7.08 -12.12 -0.60
C TYR A 177 6.39 -10.89 -0.06
N LEU A 178 6.32 -10.78 1.25
CA LEU A 178 5.70 -9.61 1.87
C LEU A 178 6.61 -9.10 3.00
N LYS A 179 6.90 -7.81 2.96
CA LYS A 179 7.61 -7.20 4.08
C LYS A 179 6.79 -7.53 5.35
N PRO A 180 7.43 -7.76 6.52
CA PRO A 180 8.84 -7.49 6.72
C PRO A 180 9.70 -8.73 6.63
N ASP A 181 9.25 -9.67 5.83
CA ASP A 181 10.03 -10.90 5.57
C ASP A 181 11.32 -10.55 4.82
N PRO A 182 12.49 -10.82 5.44
CA PRO A 182 13.72 -10.42 4.84
C PRO A 182 14.07 -11.16 3.55
N ARG A 183 13.42 -12.27 3.27
CA ARG A 183 13.64 -13.02 2.00
C ARG A 183 13.25 -12.17 0.77
N ALA A 184 12.35 -11.20 0.94
CA ALA A 184 11.96 -10.25 -0.10
C ALA A 184 13.14 -9.41 -0.61
N LEU A 185 14.02 -9.03 0.33
CA LEU A 185 15.15 -8.22 0.01
C LEU A 185 16.25 -9.14 -0.52
N TRP A 186 16.42 -10.29 0.09
CA TRP A 186 17.42 -11.24 -0.40
C TRP A 186 17.14 -11.65 -1.83
N GLU A 187 15.87 -11.86 -2.14
CA GLU A 187 15.43 -12.15 -3.50
C GLU A 187 16.05 -11.21 -4.54
N LEU A 188 16.07 -9.93 -4.25
CA LEU A 188 16.62 -8.93 -5.13
C LEU A 188 18.14 -8.87 -5.08
N VAL A 189 18.68 -8.64 -3.87
CA VAL A 189 20.07 -8.23 -3.73
C VAL A 189 21.04 -9.40 -3.58
N ARG A 190 20.58 -10.56 -3.13
CA ARG A 190 21.43 -11.75 -2.96
C ARG A 190 22.79 -11.48 -2.23
N GLY A 191 22.74 -10.71 -1.15
CA GLY A 191 23.92 -10.39 -0.35
C GLY A 191 24.80 -9.25 -0.81
N GLU A 192 24.45 -8.58 -1.90
CA GLU A 192 25.22 -7.47 -2.38
C GLU A 192 24.76 -6.27 -1.55
N PRO A 193 25.65 -5.29 -1.40
CA PRO A 193 25.35 -4.19 -0.51
C PRO A 193 24.39 -3.22 -1.09
N GLY A 194 23.82 -2.43 -0.21
CA GLY A 194 22.86 -1.44 -0.66
C GLY A 194 22.13 -0.80 0.46
N VAL A 195 21.09 -0.06 0.04
CA VAL A 195 20.20 0.63 0.95
C VAL A 195 18.73 0.43 0.52
N TYR A 196 17.83 0.37 1.52
CA TYR A 196 16.41 0.35 1.31
C TYR A 196 15.86 1.67 1.79
N ILE A 197 15.01 2.29 0.97
CA ILE A 197 14.32 3.59 1.29
C ILE A 197 12.85 3.31 1.59
N GLY A 198 12.42 3.53 2.86
CA GLY A 198 11.07 3.27 3.33
C GLY A 198 10.50 4.56 3.91
N ASP A 199 9.21 4.53 4.19
CA ASP A 199 8.49 5.61 4.91
C ASP A 199 7.90 5.14 6.27
N THR A 200 7.91 3.85 6.59
CA THR A 200 7.25 3.39 7.81
C THR A 200 8.15 2.56 8.69
N ILE A 201 7.70 2.32 9.93
CA ILE A 201 8.43 1.45 10.87
C ILE A 201 8.51 0.00 10.35
N ASN A 202 7.48 -0.46 9.66
CA ASN A 202 7.51 -1.81 9.09
C ASN A 202 8.65 -1.98 8.09
N ASP A 203 8.93 -0.93 7.34
CA ASP A 203 10.10 -0.90 6.44
C ASP A 203 11.42 -1.02 7.22
N GLU A 204 11.47 -0.32 8.35
CA GLU A 204 12.64 -0.37 9.23
C GLU A 204 12.88 -1.75 9.79
N LEU A 205 11.77 -2.38 10.22
CA LEU A 205 11.79 -3.75 10.72
C LEU A 205 12.23 -4.74 9.68
N PHE A 206 11.69 -4.57 8.46
CA PHE A 206 12.11 -5.36 7.31
C PHE A 206 13.65 -5.47 7.22
N VAL A 207 14.28 -4.31 7.23
CA VAL A 207 15.75 -4.23 7.10
C VAL A 207 16.45 -4.73 8.39
N GLU A 208 15.93 -4.37 9.58
CA GLU A 208 16.40 -5.05 10.85
C GLU A 208 16.38 -6.58 10.69
N ASN A 209 15.29 -7.13 10.12
CA ASN A 209 15.24 -8.58 9.90
C ASN A 209 16.29 -9.08 8.93
N TYR A 210 16.58 -8.28 7.93
CA TYR A 210 17.57 -8.67 6.93
C TYR A 210 18.97 -8.74 7.57
N ARG A 211 19.24 -7.71 8.35
CA ARG A 211 20.48 -7.65 9.15
C ARG A 211 20.56 -8.82 10.10
N GLY A 212 19.43 -9.20 10.70
CA GLY A 212 19.41 -10.36 11.58
C GLY A 212 19.72 -11.68 10.86
N LYS A 213 19.20 -11.83 9.66
CA LYS A 213 19.27 -13.12 8.94
C LYS A 213 20.40 -13.24 7.95
N TYR A 214 20.67 -12.15 7.22
CA TYR A 214 21.55 -12.26 6.06
C TYR A 214 22.82 -11.49 6.23
N GLY A 215 22.72 -10.24 6.66
CA GLY A 215 23.87 -9.38 6.67
C GLY A 215 23.56 -7.91 6.54
N ASP A 216 24.60 -7.12 6.35
N ASP A 216 24.62 -7.10 6.43
CA ASP A 216 24.46 -5.70 6.48
CA ASP A 216 24.57 -5.63 6.49
C ASP A 216 23.71 -5.09 5.29
C ASP A 216 23.74 -5.07 5.32
N PHE A 217 22.95 -4.05 5.59
CA PHE A 217 22.20 -3.32 4.57
C PHE A 217 21.71 -2.08 5.27
N ASP A 218 21.70 -0.98 4.58
CA ASP A 218 21.28 0.30 5.14
C ASP A 218 19.82 0.55 4.97
N PHE A 219 19.28 1.40 5.84
CA PHE A 219 17.91 1.76 5.77
C PHE A 219 17.82 3.25 5.92
N VAL A 220 17.00 3.90 5.09
CA VAL A 220 16.72 5.34 5.18
C VAL A 220 15.22 5.56 5.22
N MET A 221 14.77 6.40 6.16
CA MET A 221 13.39 6.64 6.29
C MET A 221 13.11 8.05 5.83
N VAL A 222 12.31 8.18 4.77
CA VAL A 222 11.95 9.49 4.26
C VAL A 222 11.19 10.26 5.30
N GLY A 223 11.45 11.54 5.40
CA GLY A 223 10.76 12.42 6.38
C GLY A 223 11.34 12.37 7.81
N ARG A 224 12.25 11.44 8.06
CA ARG A 224 13.02 11.40 9.29
C ARG A 224 14.51 11.54 9.01
N ASP A 225 15.04 10.71 8.13
CA ASP A 225 16.48 10.64 7.87
C ASP A 225 16.89 11.55 6.70
N VAL A 226 15.91 11.94 5.88
CA VAL A 226 16.14 12.69 4.68
C VAL A 226 14.79 13.28 4.33
N LYS A 227 14.76 14.35 3.57
CA LYS A 227 13.46 15.00 3.28
C LYS A 227 12.57 14.10 2.45
N ASP A 228 13.11 13.60 1.34
CA ASP A 228 12.33 12.73 0.49
C ASP A 228 13.31 11.95 -0.35
N VAL A 229 12.76 11.10 -1.20
CA VAL A 229 13.60 10.20 -2.04
C VAL A 229 14.46 10.99 -3.03
N ASN A 230 14.02 12.18 -3.40
CA ASN A 230 14.77 12.93 -4.42
C ASN A 230 16.01 13.51 -3.82
N GLU A 231 15.91 14.03 -2.59
CA GLU A 231 17.11 14.52 -1.90
C GLU A 231 18.05 13.34 -1.66
N PHE A 232 17.48 12.23 -1.27
CA PHE A 232 18.28 11.03 -1.15
C PHE A 232 19.03 10.70 -2.43
N LEU A 233 18.33 10.69 -3.55
CA LEU A 233 18.99 10.30 -4.82
C LEU A 233 20.03 11.30 -5.28
N GLU A 234 19.76 12.58 -5.06
CA GLU A 234 20.73 13.60 -5.36
C GLU A 234 21.99 13.49 -4.50
N ASN A 235 21.84 13.25 -3.20
CA ASN A 235 23.01 13.02 -2.34
C ASN A 235 23.78 11.81 -2.81
N ALA A 236 23.09 10.76 -3.20
CA ALA A 236 23.78 9.52 -3.64
C ALA A 236 24.59 9.74 -4.91
N LEU A 237 24.01 10.50 -5.83
CA LEU A 237 24.64 10.77 -7.10
C LEU A 237 25.83 11.73 -6.94
N GLU A 238 25.63 12.74 -6.11
CA GLU A 238 26.62 13.76 -5.90
C GLU A 238 27.76 13.35 -4.99
N GLY A 239 27.58 12.33 -4.16
CA GLY A 239 28.64 11.95 -3.24
C GLY A 239 28.85 10.52 -2.82
N GLY A 240 28.15 9.56 -3.44
CA GLY A 240 28.14 8.14 -3.03
C GLY A 240 27.13 7.91 -1.91
#